data_6PAF
#
_entry.id   6PAF
#
_cell.length_a   60.971
_cell.length_b   65.991
_cell.length_c   106.544
_cell.angle_alpha   90.000
_cell.angle_beta   90.000
_cell.angle_gamma   90.000
#
_symmetry.space_group_name_H-M   'P 21 21 21'
#
loop_
_entity.id
_entity.type
_entity.pdbx_description
1 polymer 'Histone-lysine N-methyltransferase SMYD3'
2 non-polymer 'ZINC ION'
3 non-polymer 'MAGNESIUM ION'
4 non-polymer GLYCEROL
5 non-polymer S-ADENOSYLMETHIONINE
6 non-polymer N-(1-{[4-(aminomethyl)phenyl]sulfonyl}piperidin-4-yl)-5-cyclopropyl-1,2-oxazole-3-carboxamide
7 water water
#
_entity_poly.entity_id   1
_entity_poly.type   'polypeptide(L)'
_entity_poly.pdbx_seq_one_letter_code
;GSFTMEPLKVEKFATANRGNGLRAVTPLRPGELLFRSDPLAYTVCKGSRGVVCDRCLLGKEKLMRCSQCRVAKYCSAKCQ
KKAWPDHKRECKCLKSCKPRYPPDSVRLLGRVVFKLMDGAPSESEKLYSFYDLESNINKLTEDKKEGLRQLVMTFQHFMR
EEIQDASQLPPAFDLFEAFAKVICNSFTICNAEMQEVGVGLYPSISLLNHSCDPNCSIVFNGPHLLLRAVRDIEVGEELT
ICYLDMLMTSEERRKQLRDQYCFECDCFRCQTQDKDADMLTGDEQVWKEVQESLKKIEELKAHWKWEQVLAMCQAIISSN
SERLPDINIYQLKVLDCAMDACINLGLLEEALFYGTRTMEPYRIFFPGSHPVRGVQVMKVGKLQLHQGMFPQAMKNLRLA
FDIMRVTHGREHSLIEDLILLLEECDANIRAS
;
_entity_poly.pdbx_strand_id   A
#
# COMPACT_ATOMS: atom_id res chain seq x y z
N PRO A 7 -12.80 -20.09 14.16
CA PRO A 7 -13.26 -20.75 12.94
C PRO A 7 -13.07 -19.84 11.72
N LEU A 8 -12.28 -20.28 10.75
CA LEU A 8 -11.93 -19.36 9.67
C LEU A 8 -13.08 -19.26 8.69
N LYS A 9 -13.24 -18.07 8.14
CA LYS A 9 -14.25 -17.80 7.13
C LYS A 9 -13.71 -17.97 5.73
N VAL A 10 -12.42 -18.31 5.60
CA VAL A 10 -11.73 -18.40 4.32
C VAL A 10 -10.96 -19.71 4.31
N GLU A 11 -10.64 -20.18 3.10
CA GLU A 11 -9.83 -21.37 2.98
C GLU A 11 -9.01 -21.32 1.69
N LYS A 12 -7.82 -21.87 1.77
CA LYS A 12 -7.00 -22.10 0.59
C LYS A 12 -7.65 -23.10 -0.35
N PHE A 13 -7.50 -22.88 -1.65
CA PHE A 13 -7.91 -23.90 -2.61
C PHE A 13 -7.08 -23.76 -3.88
N ALA A 14 -7.15 -24.78 -4.72
CA ALA A 14 -6.46 -24.79 -6.01
C ALA A 14 -7.44 -24.28 -7.06
N THR A 15 -7.15 -23.12 -7.64
CA THR A 15 -7.99 -22.58 -8.69
C THR A 15 -7.71 -23.33 -9.99
N ALA A 16 -8.59 -23.08 -10.97
CA ALA A 16 -8.45 -23.76 -12.24
C ALA A 16 -7.32 -23.17 -13.07
N ASN A 17 -7.10 -21.86 -12.99
CA ASN A 17 -6.07 -21.29 -13.88
C ASN A 17 -5.30 -20.12 -13.27
N ARG A 18 -5.32 -19.98 -11.96
CA ARG A 18 -4.54 -18.92 -11.33
C ARG A 18 -3.82 -19.42 -10.10
N GLY A 19 -3.39 -20.66 -10.12
CA GLY A 19 -2.62 -21.20 -9.01
C GLY A 19 -3.50 -21.42 -7.79
N ASN A 20 -2.91 -21.28 -6.62
CA ASN A 20 -3.72 -21.32 -5.41
C ASN A 20 -4.46 -20.00 -5.23
N GLY A 21 -5.55 -20.07 -4.47
CA GLY A 21 -6.34 -18.91 -4.15
C GLY A 21 -6.99 -19.10 -2.80
N LEU A 22 -7.81 -18.11 -2.45
CA LEU A 22 -8.58 -18.13 -1.23
C LEU A 22 -10.05 -18.04 -1.61
N ARG A 23 -10.88 -18.81 -0.93
CA ARG A 23 -12.31 -18.74 -1.17
C ARG A 23 -13.08 -18.71 0.16
N ALA A 24 -14.33 -18.26 0.05
CA ALA A 24 -15.17 -18.13 1.23
C ALA A 24 -15.69 -19.48 1.71
N VAL A 25 -15.60 -19.70 3.02
CA VAL A 25 -16.18 -20.87 3.65
C VAL A 25 -17.63 -20.63 4.03
N THR A 26 -17.99 -19.40 4.35
CA THR A 26 -19.31 -19.00 4.79
C THR A 26 -19.70 -17.82 3.91
N PRO A 27 -21.00 -17.47 3.84
CA PRO A 27 -21.36 -16.24 3.12
C PRO A 27 -20.76 -15.06 3.85
N LEU A 28 -20.26 -14.10 3.08
CA LEU A 28 -19.63 -12.93 3.66
C LEU A 28 -20.37 -11.68 3.22
N ARG A 29 -20.46 -10.72 4.13
CA ARG A 29 -21.10 -9.45 3.88
C ARG A 29 -20.06 -8.34 3.85
N PRO A 30 -20.36 -7.21 3.22
CA PRO A 30 -19.41 -6.11 3.20
C PRO A 30 -18.99 -5.69 4.59
N GLY A 31 -17.69 -5.53 4.78
CA GLY A 31 -17.12 -5.09 6.02
C GLY A 31 -16.70 -6.22 6.93
N GLU A 32 -17.03 -7.46 6.59
CA GLU A 32 -16.73 -8.56 7.50
C GLU A 32 -15.23 -8.78 7.51
N LEU A 33 -14.65 -8.92 8.69
CA LEU A 33 -13.23 -9.16 8.83
C LEU A 33 -12.94 -10.62 8.49
N LEU A 34 -12.07 -10.85 7.53
CA LEU A 34 -11.83 -12.20 7.05
C LEU A 34 -10.52 -12.75 7.58
N PHE A 35 -9.55 -11.92 7.81
CA PHE A 35 -8.26 -12.41 8.27
C PHE A 35 -7.50 -11.19 8.71
N ARG A 36 -6.62 -11.36 9.69
CA ARG A 36 -5.74 -10.28 10.05
C ARG A 36 -4.37 -10.87 10.26
N SER A 37 -3.35 -10.06 9.99
CA SER A 37 -2.01 -10.64 10.03
C SER A 37 -0.97 -9.57 10.29
N ASP A 38 0.00 -9.89 11.14
CA ASP A 38 1.26 -9.18 11.11
C ASP A 38 2.11 -9.75 9.99
N PRO A 39 3.15 -9.04 9.57
CA PRO A 39 3.99 -9.53 8.49
C PRO A 39 4.83 -10.70 8.97
N LEU A 40 5.18 -11.58 8.03
CA LEU A 40 6.32 -12.47 8.28
C LEU A 40 7.58 -11.64 8.45
N ALA A 41 7.73 -10.64 7.63
CA ALA A 41 8.87 -9.73 7.65
C ALA A 41 8.43 -8.46 6.98
N TYR A 42 9.00 -7.34 7.42
CA TYR A 42 8.66 -6.08 6.78
C TYR A 42 9.81 -5.12 7.03
N THR A 43 9.86 -4.09 6.22
CA THR A 43 10.79 -3.01 6.47
C THR A 43 10.18 -1.70 6.00
N VAL A 44 10.71 -0.61 6.53
CA VAL A 44 10.35 0.72 6.04
C VAL A 44 10.89 0.86 4.62
N CYS A 45 10.19 1.64 3.78
CA CYS A 45 10.63 1.77 2.41
C CYS A 45 11.64 2.89 2.32
N LYS A 46 12.38 2.89 1.22
CA LYS A 46 13.57 3.74 1.14
C LYS A 46 13.25 5.20 1.45
N GLY A 47 12.14 5.72 0.91
CA GLY A 47 11.83 7.13 1.12
C GLY A 47 11.39 7.47 2.53
N SER A 48 10.77 6.53 3.24
CA SER A 48 10.31 6.79 4.59
C SER A 48 11.34 6.44 5.65
N ARG A 49 12.47 5.85 5.24
CA ARG A 49 13.55 5.54 6.17
C ARG A 49 14.00 6.82 6.86
N GLY A 50 14.10 6.78 8.18
CA GLY A 50 14.40 7.95 8.97
C GLY A 50 13.27 8.95 9.11
N VAL A 51 12.13 8.72 8.45
CA VAL A 51 10.95 9.57 8.62
C VAL A 51 9.93 8.90 9.51
N VAL A 52 9.69 7.60 9.35
CA VAL A 52 8.77 6.87 10.19
C VAL A 52 9.53 5.86 11.01
N CYS A 53 8.90 5.46 12.12
CA CYS A 53 9.47 4.44 12.98
C CYS A 53 9.63 3.10 12.25
N ASP A 54 10.84 2.51 12.33
CA ASP A 54 11.08 1.19 11.72
C ASP A 54 10.10 0.16 12.21
N ARG A 55 9.69 0.25 13.48
CA ARG A 55 8.83 -0.78 14.04
C ARG A 55 7.36 -0.47 13.76
N CYS A 56 6.83 0.64 14.26
CA CYS A 56 5.40 0.84 14.17
C CYS A 56 4.98 1.59 12.94
N LEU A 57 5.93 2.14 12.15
CA LEU A 57 5.65 2.80 10.87
C LEU A 57 4.85 4.10 11.04
N LEU A 58 4.92 4.72 12.22
CA LEU A 58 4.30 6.01 12.45
C LEU A 58 5.36 7.08 12.32
N GLY A 59 4.96 8.24 11.78
CA GLY A 59 5.88 9.37 11.72
C GLY A 59 5.98 10.07 13.06
N LYS A 60 7.14 10.67 13.30
CA LYS A 60 7.35 11.42 14.55
C LYS A 60 8.01 12.77 14.28
N LYS A 62 12.59 13.62 14.66
CA LYS A 62 12.06 13.29 15.98
C LYS A 62 12.13 11.79 16.24
N LEU A 63 13.04 11.10 15.53
CA LEU A 63 13.26 9.67 15.71
C LEU A 63 14.60 9.42 16.38
N MET A 64 14.66 8.34 17.16
CA MET A 64 15.88 7.89 17.81
C MET A 64 16.52 6.81 16.94
N ARG A 65 17.81 6.88 16.74
CA ARG A 65 18.45 5.89 15.89
C ARG A 65 19.11 4.79 16.72
N CYS A 66 19.20 3.61 16.12
CA CYS A 66 19.99 2.53 16.69
C CYS A 66 21.44 2.96 16.74
N SER A 67 22.03 2.90 17.92
CA SER A 67 23.37 3.40 18.01
C SER A 67 24.35 2.52 17.24
N GLN A 68 24.06 1.23 17.10
CA GLN A 68 25.03 0.31 16.51
C GLN A 68 25.12 0.50 15.01
N CYS A 69 23.99 0.56 14.33
CA CYS A 69 23.99 0.72 12.88
C CYS A 69 23.71 2.14 12.42
N ARG A 70 22.94 2.90 13.21
CA ARG A 70 22.48 4.25 12.86
C ARG A 70 21.63 4.29 11.59
N VAL A 71 21.08 3.15 11.19
CA VAL A 71 20.17 3.07 10.07
C VAL A 71 18.75 2.91 10.55
N ALA A 72 18.52 1.96 11.44
CA ALA A 72 17.18 1.77 11.99
C ALA A 72 16.85 2.96 12.88
N LYS A 73 15.62 3.46 12.77
CA LYS A 73 15.21 4.62 13.53
C LYS A 73 13.83 4.36 14.13
N TYR A 74 13.61 4.92 15.32
CA TYR A 74 12.46 4.52 16.10
C TYR A 74 11.77 5.72 16.75
N CYS A 75 10.47 5.56 16.99
CA CYS A 75 9.67 6.59 17.63
C CYS A 75 9.83 6.67 19.14
N SER A 76 10.29 5.60 19.79
CA SER A 76 10.26 5.48 21.24
C SER A 76 11.26 4.40 21.63
N ALA A 77 11.66 4.46 22.91
CA ALA A 77 12.48 3.37 23.43
C ALA A 77 11.74 2.05 23.34
N LYS A 78 10.41 2.08 23.50
CA LYS A 78 9.62 0.86 23.45
C LYS A 78 9.78 0.21 22.08
N CYS A 79 9.62 1.01 21.02
CA CYS A 79 9.77 0.45 19.69
C CYS A 79 11.20 0.02 19.41
N GLN A 80 12.19 0.82 19.83
CA GLN A 80 13.58 0.42 19.54
C GLN A 80 13.91 -0.88 20.23
N LYS A 81 13.49 -1.02 21.48
CA LYS A 81 13.76 -2.25 22.22
C LYS A 81 12.95 -3.41 21.68
N LYS A 82 11.65 -3.20 21.39
CA LYS A 82 10.83 -4.29 20.87
C LYS A 82 11.33 -4.75 19.52
N ALA A 83 11.89 -3.83 18.72
CA ALA A 83 12.44 -4.20 17.43
C ALA A 83 13.78 -4.92 17.51
N TRP A 84 14.45 -4.89 18.65
CA TRP A 84 15.81 -5.42 18.68
C TRP A 84 15.91 -6.87 18.24
N PRO A 85 15.10 -7.81 18.75
CA PRO A 85 15.28 -9.21 18.32
C PRO A 85 15.23 -9.38 16.81
N ASP A 86 14.32 -8.69 16.11
CA ASP A 86 14.21 -8.79 14.66
C ASP A 86 15.18 -7.88 13.92
N HIS A 87 15.88 -7.01 14.63
CA HIS A 87 16.85 -6.10 14.02
C HIS A 87 18.30 -6.52 14.29
N LYS A 88 18.51 -7.38 15.27
CA LYS A 88 19.87 -7.63 15.79
C LYS A 88 20.82 -8.12 14.69
N ARG A 89 20.38 -9.08 13.87
CA ARG A 89 21.27 -9.65 12.88
C ARG A 89 21.44 -8.73 11.69
N GLU A 90 20.37 -8.07 11.25
CA GLU A 90 20.53 -7.12 10.15
C GLU A 90 21.36 -5.91 10.57
N CYS A 91 21.37 -5.60 11.87
CA CYS A 91 22.12 -4.45 12.34
C CYS A 91 23.59 -4.58 11.98
N LYS A 92 24.16 -5.76 12.24
CA LYS A 92 25.57 -5.96 11.94
C LYS A 92 25.85 -5.87 10.45
N CYS A 93 24.87 -6.20 9.62
CA CYS A 93 25.04 -6.13 8.18
C CYS A 93 24.93 -4.69 7.68
N LEU A 94 23.93 -3.96 8.16
CA LEU A 94 23.76 -2.56 7.78
C LEU A 94 24.98 -1.75 8.20
N LYS A 95 25.52 -2.01 9.39
CA LYS A 95 26.76 -1.38 9.82
C LYS A 95 27.88 -1.69 8.85
N SER A 96 28.07 -2.98 8.54
CA SER A 96 29.25 -3.41 7.80
C SER A 96 29.29 -2.82 6.39
N CYS A 97 28.13 -2.56 5.80
CA CYS A 97 28.08 -2.05 4.43
C CYS A 97 27.82 -0.55 4.39
N ARG A 100 26.62 2.24 2.10
CA ARG A 100 25.76 1.63 1.08
C ARG A 100 24.52 1.00 1.72
N TYR A 101 23.34 1.38 1.24
CA TYR A 101 22.08 0.88 1.79
C TYR A 101 21.40 -0.04 0.79
N PRO A 102 20.91 -1.20 1.21
CA PRO A 102 20.41 -2.20 0.24
C PRO A 102 19.06 -1.83 -0.36
N PRO A 103 18.71 -2.37 -1.52
CA PRO A 103 17.33 -2.25 -2.00
C PRO A 103 16.37 -2.78 -0.95
N ASP A 104 15.15 -2.21 -0.93
CA ASP A 104 14.17 -2.64 0.07
C ASP A 104 13.95 -4.15 0.00
N SER A 105 13.90 -4.72 -1.19
CA SER A 105 13.67 -6.16 -1.28
C SER A 105 14.78 -6.97 -0.63
N VAL A 106 16.01 -6.48 -0.67
CA VAL A 106 17.12 -7.19 -0.05
C VAL A 106 17.03 -7.10 1.46
N ARG A 107 16.70 -5.92 2.00
CA ARG A 107 16.52 -5.81 3.43
C ARG A 107 15.36 -6.69 3.87
N LEU A 108 14.30 -6.70 3.08
CA LEU A 108 13.15 -7.52 3.39
C LEU A 108 13.51 -8.99 3.41
N LEU A 109 14.22 -9.47 2.38
CA LEU A 109 14.58 -10.89 2.38
C LEU A 109 15.53 -11.23 3.51
N GLY A 110 16.43 -10.33 3.89
CA GLY A 110 17.25 -10.59 5.05
C GLY A 110 16.41 -10.85 6.29
N ARG A 111 15.35 -10.04 6.47
CA ARG A 111 14.46 -10.22 7.60
C ARG A 111 13.66 -11.50 7.47
N VAL A 112 13.31 -11.90 6.26
CA VAL A 112 12.67 -13.20 6.07
C VAL A 112 13.56 -14.31 6.56
N VAL A 113 14.81 -14.29 6.13
CA VAL A 113 15.74 -15.34 6.49
C VAL A 113 15.91 -15.40 8.00
N PHE A 114 16.16 -14.25 8.62
CA PHE A 114 16.36 -14.27 10.07
C PHE A 114 15.12 -14.75 10.80
N LYS A 115 13.94 -14.35 10.34
CA LYS A 115 12.71 -14.81 10.99
C LYS A 115 12.57 -16.31 10.86
N LEU A 116 12.82 -16.84 9.65
CA LEU A 116 12.66 -18.28 9.44
C LEU A 116 13.71 -19.10 10.17
N MET A 117 14.91 -18.55 10.33
CA MET A 117 15.98 -19.27 11.01
C MET A 117 15.87 -19.19 12.52
N ASP A 118 15.51 -18.02 13.06
CA ASP A 118 15.60 -17.79 14.49
C ASP A 118 14.26 -17.64 15.19
N GLY A 119 13.20 -17.41 14.46
CA GLY A 119 11.90 -17.18 15.06
C GLY A 119 11.05 -18.43 15.09
N ALA A 120 10.16 -18.48 16.06
CA ALA A 120 9.15 -19.52 16.09
C ALA A 120 8.25 -19.40 14.86
N PRO A 121 7.55 -20.48 14.51
CA PRO A 121 6.67 -20.44 13.35
C PRO A 121 5.69 -19.29 13.48
N SER A 122 5.53 -18.56 12.41
CA SER A 122 4.84 -17.28 12.41
C SER A 122 3.37 -17.50 12.09
N GLU A 123 2.49 -16.85 12.85
CA GLU A 123 1.07 -16.89 12.54
C GLU A 123 0.80 -16.35 11.13
N SER A 124 1.67 -15.48 10.62
CA SER A 124 1.49 -14.97 9.26
C SER A 124 1.53 -16.07 8.22
N GLU A 125 2.07 -17.24 8.54
CA GLU A 125 2.16 -18.37 7.62
C GLU A 125 1.09 -19.40 7.86
N LYS A 126 0.05 -19.06 8.60
CA LYS A 126 -0.94 -20.08 8.98
C LYS A 126 -1.56 -20.77 7.77
N LEU A 127 -1.95 -20.02 6.75
CA LEU A 127 -2.64 -20.62 5.61
C LEU A 127 -1.71 -21.00 4.50
N TYR A 128 -0.53 -20.38 4.45
CA TYR A 128 0.37 -20.48 3.32
C TYR A 128 1.68 -19.90 3.80
N SER A 129 2.80 -20.49 3.41
CA SER A 129 4.08 -20.10 3.99
C SER A 129 4.95 -19.46 2.92
N PHE A 130 6.05 -18.86 3.35
CA PHE A 130 7.03 -18.37 2.39
C PHE A 130 7.47 -19.47 1.44
N TYR A 131 7.68 -20.66 1.98
CA TYR A 131 8.10 -21.80 1.20
C TYR A 131 7.11 -22.13 0.10
N ASP A 132 5.81 -21.87 0.33
CA ASP A 132 4.75 -22.19 -0.62
C ASP A 132 4.56 -21.14 -1.71
N LEU A 133 5.09 -19.94 -1.52
CA LEU A 133 4.68 -18.84 -2.37
C LEU A 133 5.02 -19.10 -3.83
N GLU A 134 4.21 -18.53 -4.70
CA GLU A 134 4.44 -18.58 -6.15
C GLU A 134 5.71 -17.81 -6.50
N SER A 135 6.55 -18.42 -7.32
CA SER A 135 7.76 -17.79 -7.81
C SER A 135 7.64 -17.30 -9.25
N ASN A 136 6.73 -17.89 -10.02
CA ASN A 136 6.61 -17.60 -11.44
C ASN A 136 7.92 -17.81 -12.20
N ILE A 137 8.82 -18.68 -11.73
CA ILE A 137 10.12 -18.74 -12.37
C ILE A 137 9.99 -19.14 -13.83
N ASN A 138 9.07 -20.02 -14.16
CA ASN A 138 9.02 -20.43 -15.57
C ASN A 138 8.37 -19.40 -16.48
N LYS A 139 7.93 -18.28 -15.92
CA LYS A 139 7.44 -17.17 -16.72
C LYS A 139 8.41 -16.02 -16.79
N LEU A 140 9.52 -16.07 -16.06
CA LEU A 140 10.42 -14.93 -16.05
C LEU A 140 11.14 -14.80 -17.38
N THR A 141 11.20 -13.57 -17.89
CA THR A 141 12.01 -13.31 -19.06
C THR A 141 13.47 -13.17 -18.67
N GLU A 142 14.34 -13.25 -19.66
CA GLU A 142 15.76 -13.22 -19.35
C GLU A 142 16.16 -11.94 -18.64
N ASP A 143 15.56 -10.81 -19.03
CA ASP A 143 15.90 -9.57 -18.36
C ASP A 143 15.53 -9.60 -16.89
N LYS A 144 14.39 -10.21 -16.56
CA LYS A 144 14.04 -10.32 -15.17
CA LYS A 144 14.01 -10.34 -15.17
C LYS A 144 14.95 -11.27 -14.42
N LYS A 145 15.36 -12.37 -15.05
CA LYS A 145 16.29 -13.27 -14.39
C LYS A 145 17.59 -12.58 -14.09
N GLU A 146 18.09 -11.78 -15.04
CA GLU A 146 19.31 -11.03 -14.79
C GLU A 146 19.13 -10.09 -13.60
N GLY A 147 18.00 -9.40 -13.52
CA GLY A 147 17.74 -8.54 -12.37
C GLY A 147 17.71 -9.29 -11.06
N LEU A 148 17.12 -10.48 -11.06
CA LEU A 148 17.10 -11.29 -9.86
C LEU A 148 18.48 -11.76 -9.51
N ARG A 149 19.30 -12.11 -10.50
CA ARG A 149 20.66 -12.50 -10.18
C ARG A 149 21.40 -11.36 -9.50
N GLN A 150 21.17 -10.13 -9.95
CA GLN A 150 21.83 -9.02 -9.29
C GLN A 150 21.33 -8.85 -7.86
N LEU A 151 20.03 -9.05 -7.63
CA LEU A 151 19.51 -9.00 -6.27
C LEU A 151 20.14 -10.07 -5.39
N VAL A 152 20.32 -11.27 -5.93
CA VAL A 152 20.97 -12.33 -5.18
C VAL A 152 22.35 -11.91 -4.78
N MET A 153 23.14 -11.41 -5.73
CA MET A 153 24.47 -10.98 -5.38
C MET A 153 24.47 -9.82 -4.41
N THR A 154 23.50 -8.91 -4.53
CA THR A 154 23.39 -7.84 -3.56
C THR A 154 23.11 -8.38 -2.17
N PHE A 155 22.21 -9.35 -2.06
CA PHE A 155 21.94 -9.97 -0.77
C PHE A 155 23.18 -10.64 -0.22
N GLN A 156 23.91 -11.36 -1.07
CA GLN A 156 25.08 -12.06 -0.57
C GLN A 156 26.11 -11.08 -0.01
N HIS A 157 26.25 -9.93 -0.66
CA HIS A 157 27.17 -8.91 -0.19
C HIS A 157 26.67 -8.29 1.10
N PHE A 158 25.40 -7.89 1.14
CA PHE A 158 24.84 -7.21 2.29
C PHE A 158 24.87 -8.09 3.52
N MET A 159 24.62 -9.38 3.35
CA MET A 159 24.36 -10.28 4.47
C MET A 159 25.59 -11.01 4.91
N ARG A 160 26.74 -10.69 4.33
CA ARG A 160 27.93 -11.51 4.50
C ARG A 160 28.38 -11.63 5.95
N GLU A 161 28.15 -10.60 6.78
CA GLU A 161 28.56 -10.73 8.18
C GLU A 161 27.72 -11.75 8.95
N GLU A 162 26.51 -12.06 8.47
CA GLU A 162 25.59 -12.94 9.18
C GLU A 162 25.32 -14.25 8.49
N ILE A 163 25.43 -14.28 7.16
CA ILE A 163 25.12 -15.47 6.38
C ILE A 163 26.28 -15.68 5.43
N GLN A 164 27.08 -16.70 5.68
CA GLN A 164 28.20 -17.03 4.81
C GLN A 164 28.01 -18.31 4.01
N ASP A 165 27.08 -19.18 4.41
CA ASP A 165 26.91 -20.48 3.77
C ASP A 165 25.45 -20.89 3.81
N ALA A 166 25.13 -21.97 3.09
CA ALA A 166 23.79 -22.51 3.09
C ALA A 166 23.37 -23.02 4.46
N SER A 167 24.33 -23.30 5.35
CA SER A 167 24.00 -23.74 6.70
C SER A 167 23.21 -22.69 7.45
N GLN A 168 23.32 -21.44 7.04
CA GLN A 168 22.68 -20.32 7.70
C GLN A 168 21.40 -19.86 7.00
N LEU A 169 21.00 -20.54 5.94
CA LEU A 169 19.72 -20.34 5.31
C LEU A 169 18.82 -21.54 5.62
N PRO A 170 17.51 -21.39 5.46
CA PRO A 170 16.63 -22.52 5.70
C PRO A 170 16.95 -23.68 4.78
N PRO A 171 16.54 -24.89 5.14
CA PRO A 171 16.92 -26.07 4.34
C PRO A 171 16.54 -25.91 2.87
N ALA A 172 17.54 -26.08 1.99
CA ALA A 172 17.34 -25.97 0.54
C ALA A 172 16.73 -24.63 0.12
N PHE A 173 17.05 -23.57 0.85
CA PHE A 173 16.62 -22.22 0.48
C PHE A 173 17.42 -21.76 -0.72
N ASP A 174 16.73 -21.28 -1.74
CA ASP A 174 17.41 -20.83 -2.94
C ASP A 174 17.16 -19.33 -3.07
N LEU A 175 18.22 -18.54 -3.09
CA LEU A 175 18.04 -17.09 -3.03
C LEU A 175 17.37 -16.54 -4.28
N PHE A 176 17.69 -17.10 -5.44
CA PHE A 176 17.06 -16.66 -6.67
C PHE A 176 15.56 -16.89 -6.59
N GLU A 177 15.18 -18.09 -6.19
CA GLU A 177 13.76 -18.40 -6.03
C GLU A 177 13.10 -17.51 -4.99
N ALA A 178 13.82 -17.23 -3.90
CA ALA A 178 13.26 -16.39 -2.85
C ALA A 178 12.99 -14.98 -3.38
N PHE A 179 13.93 -14.38 -4.13
CA PHE A 179 13.65 -13.09 -4.72
C PHE A 179 12.54 -13.15 -5.74
N ALA A 180 12.45 -14.23 -6.52
CA ALA A 180 11.33 -14.38 -7.46
C ALA A 180 10.02 -14.34 -6.70
N LYS A 181 9.95 -15.00 -5.54
CA LYS A 181 8.74 -14.93 -4.72
C LYS A 181 8.50 -13.54 -4.22
N VAL A 182 9.53 -12.87 -3.76
CA VAL A 182 9.35 -11.50 -3.26
C VAL A 182 8.73 -10.61 -4.31
N ILE A 183 9.16 -10.69 -5.56
CA ILE A 183 8.69 -9.74 -6.56
C ILE A 183 7.18 -9.84 -6.75
N CYS A 184 6.63 -11.05 -6.65
CA CYS A 184 5.19 -11.24 -6.90
C CYS A 184 4.37 -11.44 -5.63
N ASN A 185 4.94 -11.15 -4.48
CA ASN A 185 4.25 -11.35 -3.21
C ASN A 185 4.50 -10.21 -2.23
N SER A 186 5.04 -9.10 -2.67
CA SER A 186 5.32 -7.98 -1.77
C SER A 186 4.10 -7.11 -1.61
N PHE A 187 3.77 -6.80 -0.37
CA PHE A 187 2.69 -5.86 -0.08
C PHE A 187 3.25 -4.50 0.23
N THR A 188 2.64 -3.47 -0.35
CA THR A 188 3.02 -2.08 -0.08
C THR A 188 2.23 -1.64 1.14
N ILE A 189 2.94 -1.44 2.25
CA ILE A 189 2.31 -1.04 3.49
C ILE A 189 2.11 0.45 3.47
N CYS A 190 0.89 0.89 3.76
CA CYS A 190 0.50 2.28 3.71
C CYS A 190 0.08 2.72 5.09
N ASN A 191 0.42 3.96 5.43
CA ASN A 191 0.00 4.46 6.73
C ASN A 191 -1.46 4.89 6.70
N ALA A 192 -1.91 5.44 7.82
CA ALA A 192 -3.34 5.75 7.97
C ALA A 192 -3.78 6.77 6.92
N GLU A 193 -2.87 7.66 6.53
CA GLU A 193 -3.10 8.71 5.55
C GLU A 193 -2.89 8.22 4.13
N MET A 194 -2.63 6.92 3.95
CA MET A 194 -2.44 6.26 2.67
C MET A 194 -1.14 6.66 2.01
N GLN A 195 -0.17 7.09 2.79
CA GLN A 195 1.19 7.24 2.31
C GLN A 195 1.89 5.90 2.39
N GLU A 196 2.53 5.50 1.29
CA GLU A 196 3.35 4.28 1.31
CA GLU A 196 3.35 4.29 1.30
C GLU A 196 4.51 4.47 2.27
N VAL A 197 4.66 3.54 3.21
CA VAL A 197 5.71 3.63 4.23
C VAL A 197 6.56 2.38 4.40
N GLY A 198 6.14 1.26 3.82
CA GLY A 198 6.89 0.04 4.07
C GLY A 198 6.54 -1.00 3.04
N VAL A 199 7.26 -2.12 3.14
CA VAL A 199 6.99 -3.30 2.33
C VAL A 199 7.04 -4.51 3.23
N GLY A 200 6.11 -5.43 3.01
CA GLY A 200 6.08 -6.60 3.85
C GLY A 200 5.65 -7.84 3.09
N LEU A 201 5.94 -8.98 3.68
CA LEU A 201 5.43 -10.26 3.21
C LEU A 201 4.42 -10.76 4.21
N TYR A 202 3.28 -11.21 3.70
CA TYR A 202 2.18 -11.71 4.53
C TYR A 202 1.72 -12.99 3.84
N PRO A 203 2.37 -14.11 4.10
CA PRO A 203 2.22 -15.24 3.17
C PRO A 203 0.80 -15.79 3.13
N SER A 204 0.06 -15.79 4.24
CA SER A 204 -1.33 -16.24 4.15
C SER A 204 -2.16 -15.33 3.26
N ILE A 205 -1.91 -14.02 3.34
CA ILE A 205 -2.64 -13.08 2.52
C ILE A 205 -2.25 -13.21 1.07
N SER A 206 -1.03 -13.71 0.83
CA SER A 206 -0.56 -13.95 -0.52
C SER A 206 -1.40 -14.95 -1.26
N LEU A 207 -2.29 -15.69 -0.63
CA LEU A 207 -3.19 -16.55 -1.40
C LEU A 207 -4.16 -15.78 -2.26
N LEU A 208 -4.45 -14.52 -1.93
CA LEU A 208 -5.46 -13.82 -2.70
C LEU A 208 -4.98 -13.50 -4.09
N ASN A 209 -5.77 -13.88 -5.06
CA ASN A 209 -5.53 -13.46 -6.42
C ASN A 209 -6.10 -12.07 -6.67
N HIS A 210 -5.67 -11.50 -7.78
CA HIS A 210 -5.96 -10.12 -8.14
C HIS A 210 -7.24 -10.01 -8.94
N SER A 211 -7.96 -8.93 -8.71
CA SER A 211 -8.99 -8.49 -9.63
C SER A 211 -8.96 -6.99 -9.73
N CYS A 212 -9.27 -6.46 -10.92
CA CYS A 212 -9.42 -5.02 -11.09
C CYS A 212 -10.77 -4.54 -10.62
N ASP A 213 -11.62 -5.44 -10.17
CA ASP A 213 -12.88 -5.10 -9.54
C ASP A 213 -13.11 -6.14 -8.44
N PRO A 214 -12.41 -6.01 -7.32
CA PRO A 214 -12.30 -7.10 -6.35
C PRO A 214 -13.49 -7.14 -5.40
N ASN A 215 -13.58 -8.26 -4.69
CA ASN A 215 -14.61 -8.41 -3.67
C ASN A 215 -14.10 -8.24 -2.26
N CYS A 216 -12.80 -8.13 -2.07
CA CYS A 216 -12.19 -7.88 -0.77
C CYS A 216 -11.22 -6.73 -0.89
N SER A 217 -10.75 -6.27 0.26
CA SER A 217 -9.75 -5.24 0.29
CA SER A 217 -9.79 -5.20 0.32
C SER A 217 -8.91 -5.43 1.54
N ILE A 218 -7.67 -4.98 1.45
CA ILE A 218 -6.78 -4.95 2.59
C ILE A 218 -6.51 -3.51 2.97
N VAL A 219 -6.27 -3.31 4.27
CA VAL A 219 -5.82 -2.04 4.80
CA VAL A 219 -5.84 -2.03 4.80
C VAL A 219 -4.78 -2.32 5.85
N PHE A 220 -3.88 -1.37 6.05
CA PHE A 220 -2.81 -1.50 7.03
C PHE A 220 -3.04 -0.56 8.18
N ASN A 221 -2.77 -1.04 9.37
CA ASN A 221 -2.77 -0.23 10.57
C ASN A 221 -1.38 -0.46 11.15
N GLY A 222 -0.46 0.46 10.91
CA GLY A 222 0.94 0.16 11.09
C GLY A 222 1.31 -1.05 10.23
N PRO A 223 2.10 -1.98 10.78
CA PRO A 223 2.44 -3.19 9.98
C PRO A 223 1.29 -4.19 9.92
N HIS A 224 0.23 -3.98 10.67
CA HIS A 224 -0.80 -4.98 10.79
C HIS A 224 -1.77 -4.86 9.61
N LEU A 225 -2.13 -5.99 9.01
CA LEU A 225 -2.98 -6.01 7.84
C LEU A 225 -4.34 -6.59 8.21
N LEU A 226 -5.39 -5.91 7.76
CA LEU A 226 -6.75 -6.39 7.91
C LEU A 226 -7.31 -6.69 6.54
N LEU A 227 -7.88 -7.88 6.37
CA LEU A 227 -8.53 -8.28 5.13
C LEU A 227 -10.03 -8.29 5.37
N ARG A 228 -10.78 -7.54 4.57
CA ARG A 228 -12.21 -7.40 4.76
C ARG A 228 -12.93 -7.68 3.46
N ALA A 229 -14.12 -8.24 3.54
CA ALA A 229 -14.98 -8.29 2.36
C ALA A 229 -15.49 -6.89 2.06
N VAL A 230 -15.60 -6.54 0.79
CA VAL A 230 -16.19 -5.27 0.38
C VAL A 230 -17.40 -5.44 -0.51
N ARG A 231 -17.85 -6.67 -0.72
CA ARG A 231 -19.06 -7.01 -1.44
C ARG A 231 -19.66 -8.20 -0.71
N ASP A 232 -20.90 -8.51 -1.02
CA ASP A 232 -21.41 -9.83 -0.64
C ASP A 232 -20.64 -10.92 -1.38
N ILE A 233 -20.32 -12.00 -0.68
CA ILE A 233 -19.56 -13.10 -1.24
C ILE A 233 -20.25 -14.40 -0.84
N GLU A 234 -20.41 -15.28 -1.80
CA GLU A 234 -21.10 -16.56 -1.59
C GLU A 234 -20.12 -17.64 -1.13
N VAL A 235 -20.64 -18.68 -0.47
CA VAL A 235 -19.80 -19.82 -0.12
C VAL A 235 -19.13 -20.34 -1.38
N GLY A 236 -17.83 -20.59 -1.29
CA GLY A 236 -17.05 -21.14 -2.38
C GLY A 236 -16.55 -20.12 -3.38
N GLU A 237 -17.02 -18.88 -3.32
CA GLU A 237 -16.58 -17.87 -4.26
C GLU A 237 -15.14 -17.45 -3.94
N GLU A 238 -14.34 -17.27 -4.99
CA GLU A 238 -12.97 -16.85 -4.78
C GLU A 238 -12.91 -15.43 -4.27
N LEU A 239 -12.02 -15.19 -3.32
CA LEU A 239 -11.77 -13.88 -2.76
C LEU A 239 -10.67 -13.23 -3.57
N THR A 240 -10.85 -11.96 -3.90
CA THR A 240 -9.86 -11.24 -4.67
C THR A 240 -9.62 -9.89 -4.03
N ILE A 241 -8.42 -9.38 -4.24
CA ILE A 241 -8.11 -8.00 -3.94
C ILE A 241 -7.52 -7.38 -5.19
N CYS A 242 -7.45 -6.05 -5.25
CA CYS A 242 -6.77 -5.39 -6.36
C CYS A 242 -5.34 -5.10 -5.95
N TYR A 243 -4.38 -5.65 -6.68
CA TYR A 243 -2.99 -5.44 -6.33
C TYR A 243 -2.52 -4.03 -6.63
N LEU A 244 -3.31 -3.25 -7.37
CA LEU A 244 -2.83 -2.05 -8.03
C LEU A 244 -3.63 -0.83 -7.57
N ASP A 245 -2.99 0.31 -7.68
CA ASP A 245 -3.62 1.62 -7.66
CA ASP A 245 -3.65 1.61 -7.63
C ASP A 245 -4.81 1.63 -8.62
N MET A 246 -5.96 2.15 -8.18
CA MET A 246 -7.10 2.23 -9.08
C MET A 246 -6.92 3.28 -10.16
N LEU A 247 -6.05 4.24 -9.98
CA LEU A 247 -5.89 5.32 -10.94
C LEU A 247 -4.84 4.92 -11.98
N MET A 248 -5.23 3.92 -12.77
CA MET A 248 -4.39 3.32 -13.79
C MET A 248 -5.29 2.89 -14.92
N THR A 249 -4.80 3.10 -16.13
CA THR A 249 -5.53 2.59 -17.29
C THR A 249 -5.30 1.09 -17.43
N SER A 250 -6.10 0.47 -18.31
CA SER A 250 -5.93 -0.98 -18.53
C SER A 250 -4.57 -1.30 -19.12
N GLU A 251 -4.02 -0.41 -19.94
CA GLU A 251 -2.67 -0.61 -20.48
CA GLU A 251 -2.68 -0.62 -20.47
C GLU A 251 -1.64 -0.55 -19.37
N GLU A 252 -1.80 0.40 -18.44
CA GLU A 252 -0.84 0.47 -17.33
C GLU A 252 -0.98 -0.75 -16.45
N ARG A 253 -2.20 -1.17 -16.17
CA ARG A 253 -2.36 -2.38 -15.39
C ARG A 253 -1.75 -3.56 -16.10
N ARG A 254 -1.95 -3.65 -17.41
CA ARG A 254 -1.39 -4.79 -18.14
C ARG A 254 0.11 -4.84 -17.95
N LYS A 255 0.77 -3.70 -18.09
CA LYS A 255 2.22 -3.68 -17.95
C LYS A 255 2.66 -4.11 -16.56
N GLN A 256 2.01 -3.60 -15.52
CA GLN A 256 2.45 -3.97 -14.18
CA GLN A 256 2.45 -3.97 -14.18
C GLN A 256 2.13 -5.41 -13.87
N LEU A 257 0.96 -5.88 -14.26
CA LEU A 257 0.62 -7.26 -13.97
C LEU A 257 1.53 -8.22 -14.73
N ARG A 258 1.93 -7.89 -15.96
CA ARG A 258 2.94 -8.70 -16.64
C ARG A 258 4.28 -8.59 -15.95
N ASP A 259 4.75 -7.37 -15.74
CA ASP A 259 6.14 -7.19 -15.32
C ASP A 259 6.36 -7.71 -13.92
N GLN A 260 5.44 -7.46 -13.02
CA GLN A 260 5.64 -7.84 -11.63
C GLN A 260 4.99 -9.17 -11.31
N TYR A 261 3.87 -9.49 -11.91
CA TYR A 261 3.09 -10.63 -11.50
C TYR A 261 2.99 -11.74 -12.56
N CYS A 262 3.55 -11.55 -13.73
CA CYS A 262 3.52 -12.58 -14.77
C CYS A 262 2.12 -13.12 -15.04
N PHE A 263 1.12 -12.26 -15.23
CA PHE A 263 -0.14 -12.76 -15.73
C PHE A 263 -0.82 -11.69 -16.56
N GLU A 264 -1.77 -12.15 -17.38
CA GLU A 264 -2.62 -11.37 -18.28
C GLU A 264 -4.00 -11.38 -17.63
N CYS A 265 -4.55 -10.21 -17.37
CA CYS A 265 -5.78 -10.11 -16.56
C CYS A 265 -6.95 -10.25 -17.48
N ASP A 266 -7.85 -11.18 -17.09
CA ASP A 266 -9.05 -11.51 -17.83
CA ASP A 266 -9.05 -11.43 -17.88
C ASP A 266 -10.31 -10.85 -17.25
N CYS A 267 -10.18 -9.91 -16.32
CA CYS A 267 -11.38 -9.26 -15.74
C CYS A 267 -12.18 -8.46 -16.81
N PHE A 268 -13.47 -8.22 -16.55
CA PHE A 268 -14.30 -7.49 -17.53
C PHE A 268 -13.75 -6.08 -17.80
N ARG A 269 -13.16 -5.50 -16.80
CA ARG A 269 -12.62 -4.14 -16.96
C ARG A 269 -11.49 -4.15 -17.97
N CYS A 270 -10.62 -5.17 -17.93
CA CYS A 270 -9.50 -5.20 -18.87
C CYS A 270 -9.99 -5.51 -20.28
N GLN A 271 -11.00 -6.38 -20.41
CA GLN A 271 -11.52 -6.68 -21.73
C GLN A 271 -12.14 -5.48 -22.39
N THR A 272 -12.71 -4.56 -21.60
CA THR A 272 -13.47 -3.46 -22.17
C THR A 272 -12.79 -2.11 -22.00
N GLN A 273 -11.57 -2.07 -21.48
CA GLN A 273 -10.90 -0.81 -21.22
C GLN A 273 -11.75 0.10 -20.35
N ASP A 274 -12.40 -0.50 -19.35
CA ASP A 274 -13.38 0.20 -18.52
C ASP A 274 -12.76 1.41 -17.86
N LYS A 275 -13.32 2.57 -18.13
CA LYS A 275 -12.93 3.88 -17.62
C LYS A 275 -11.69 4.46 -18.26
N ASP A 276 -11.00 3.77 -19.17
CA ASP A 276 -9.76 4.33 -19.70
C ASP A 276 -9.99 5.67 -20.35
N ALA A 277 -11.00 5.76 -21.20
CA ALA A 277 -11.18 6.99 -21.94
C ALA A 277 -11.46 8.15 -21.01
N ASP A 278 -12.28 7.94 -19.97
CA ASP A 278 -12.53 9.05 -19.04
C ASP A 278 -11.26 9.44 -18.30
N MET A 279 -10.46 8.42 -17.94
CA MET A 279 -9.22 8.67 -17.22
C MET A 279 -8.23 9.51 -18.02
N LEU A 280 -8.34 9.49 -19.36
CA LEU A 280 -7.39 10.14 -20.22
C LEU A 280 -8.01 11.31 -20.95
N THR A 281 -9.03 11.93 -20.36
CA THR A 281 -9.62 13.11 -20.98
C THR A 281 -8.70 14.31 -20.86
N GLY A 282 -8.91 15.25 -21.74
CA GLY A 282 -8.00 16.39 -21.84
C GLY A 282 -7.01 16.19 -22.97
N ASP A 283 -6.07 17.11 -23.09
CA ASP A 283 -5.13 17.11 -24.21
C ASP A 283 -3.94 16.21 -23.89
N GLU A 284 -3.65 15.31 -24.81
CA GLU A 284 -2.63 14.31 -24.55
C GLU A 284 -1.27 14.93 -24.28
N GLN A 285 -0.91 15.98 -25.00
CA GLN A 285 0.43 16.51 -24.77
C GLN A 285 0.55 17.05 -23.35
N VAL A 286 -0.54 17.66 -22.85
CA VAL A 286 -0.52 18.15 -21.48
C VAL A 286 -0.43 17.00 -20.49
N TRP A 287 -1.29 15.97 -20.64
CA TRP A 287 -1.23 14.92 -19.63
C TRP A 287 0.03 14.10 -19.72
N LYS A 288 0.63 13.98 -20.90
CA LYS A 288 1.91 13.29 -20.98
C LYS A 288 2.96 14.05 -20.20
N GLU A 289 2.95 15.37 -20.26
CA GLU A 289 3.89 16.14 -19.46
C GLU A 289 3.60 16.02 -17.98
N VAL A 290 2.33 16.03 -17.60
CA VAL A 290 1.99 15.87 -16.19
C VAL A 290 2.38 14.49 -15.68
N GLN A 291 2.10 13.44 -16.46
CA GLN A 291 2.54 12.10 -16.10
C GLN A 291 4.05 12.08 -15.88
N GLU A 292 4.80 12.75 -16.75
CA GLU A 292 6.26 12.78 -16.56
C GLU A 292 6.62 13.53 -15.28
N SER A 293 5.98 14.69 -15.02
CA SER A 293 6.27 15.45 -13.80
C SER A 293 5.91 14.65 -12.55
N LEU A 294 4.87 13.81 -12.63
CA LEU A 294 4.48 13.02 -11.47
C LEU A 294 5.57 12.07 -11.03
N LYS A 295 6.45 11.62 -11.92
CA LYS A 295 7.56 10.81 -11.45
C LYS A 295 8.34 11.55 -10.38
N LYS A 296 8.65 12.82 -10.64
CA LYS A 296 9.42 13.60 -9.69
C LYS A 296 8.55 13.96 -8.49
N ILE A 297 7.29 14.32 -8.74
CA ILE A 297 6.42 14.66 -7.61
C ILE A 297 6.32 13.47 -6.65
N GLU A 298 6.10 12.28 -7.22
CA GLU A 298 5.92 11.11 -6.36
CA GLU A 298 5.94 11.08 -6.40
C GLU A 298 7.23 10.72 -5.69
N GLU A 299 8.37 10.95 -6.35
CA GLU A 299 9.65 10.72 -5.68
C GLU A 299 9.80 11.65 -4.48
N LEU A 300 9.51 12.94 -4.70
CA LEU A 300 9.56 13.90 -3.60
C LEU A 300 8.58 13.51 -2.49
N LYS A 301 7.37 13.12 -2.87
CA LYS A 301 6.39 12.75 -1.85
C LYS A 301 6.85 11.53 -1.08
N ALA A 302 7.41 10.54 -1.77
CA ALA A 302 7.91 9.35 -1.07
C ALA A 302 8.95 9.70 -0.03
N HIS A 303 9.67 10.80 -0.20
CA HIS A 303 10.61 11.28 0.79
C HIS A 303 10.03 12.36 1.70
N TRP A 304 8.70 12.56 1.68
CA TRP A 304 8.05 13.49 2.61
C TRP A 304 8.52 14.93 2.40
N LYS A 305 8.88 15.27 1.16
CA LYS A 305 9.34 16.62 0.84
C LYS A 305 8.15 17.48 0.41
N TRP A 306 7.33 17.84 1.40
CA TRP A 306 6.00 18.40 1.09
C TRP A 306 6.08 19.76 0.41
N GLU A 307 7.00 20.62 0.84
CA GLU A 307 7.09 21.94 0.23
C GLU A 307 7.42 21.83 -1.24
N GLN A 308 8.37 20.95 -1.59
CA GLN A 308 8.72 20.76 -2.98
C GLN A 308 7.60 20.09 -3.76
N VAL A 309 6.95 19.10 -3.15
CA VAL A 309 5.75 18.53 -3.74
C VAL A 309 4.76 19.63 -4.09
N LEU A 310 4.45 20.48 -3.11
CA LEU A 310 3.41 21.47 -3.34
C LEU A 310 3.80 22.41 -4.46
N ALA A 311 5.05 22.84 -4.49
CA ALA A 311 5.47 23.78 -5.52
C ALA A 311 5.30 23.17 -6.90
N MET A 312 5.70 21.91 -7.07
CA MET A 312 5.53 21.28 -8.38
C MET A 312 4.07 21.12 -8.75
N CYS A 313 3.23 20.77 -7.77
CA CYS A 313 1.81 20.59 -8.06
C CYS A 313 1.14 21.88 -8.42
N GLN A 314 1.46 22.97 -7.72
CA GLN A 314 0.85 24.25 -8.03
C GLN A 314 1.20 24.69 -9.45
N ALA A 315 2.42 24.37 -9.90
CA ALA A 315 2.82 24.76 -11.23
C ALA A 315 1.98 24.07 -12.28
N ILE A 316 1.36 22.94 -11.93
CA ILE A 316 0.46 22.25 -12.82
C ILE A 316 -0.97 22.72 -12.62
N ILE A 317 -1.45 22.67 -11.37
CA ILE A 317 -2.86 22.95 -11.11
C ILE A 317 -3.20 24.37 -11.52
N SER A 318 -2.32 25.30 -11.23
CA SER A 318 -2.54 26.69 -11.56
C SER A 318 -1.61 27.15 -12.66
N SER A 319 -1.29 26.25 -13.61
CA SER A 319 -0.38 26.58 -14.70
C SER A 319 -0.92 27.74 -15.52
N ASN A 320 0.03 28.54 -16.03
CA ASN A 320 -0.35 29.52 -17.04
C ASN A 320 -0.68 28.82 -18.34
N SER A 321 -0.04 27.69 -18.59
CA SER A 321 -0.26 26.92 -19.80
C SER A 321 -1.49 26.04 -19.63
N GLU A 322 -1.76 25.24 -20.66
CA GLU A 322 -3.00 24.49 -20.75
C GLU A 322 -3.17 23.52 -19.57
N ARG A 323 -4.41 23.33 -19.20
CA ARG A 323 -4.76 22.56 -18.01
C ARG A 323 -5.56 21.32 -18.36
N LEU A 324 -5.69 20.45 -17.38
CA LEU A 324 -6.38 19.19 -17.54
C LEU A 324 -7.66 19.18 -16.73
N PRO A 325 -8.64 18.38 -17.13
CA PRO A 325 -9.81 18.16 -16.27
C PRO A 325 -9.43 17.34 -15.06
N ASP A 326 -10.15 17.55 -13.96
CA ASP A 326 -9.83 16.89 -12.71
C ASP A 326 -10.07 15.38 -12.77
N ILE A 327 -10.88 14.93 -13.72
CA ILE A 327 -11.07 13.49 -13.91
C ILE A 327 -9.90 12.83 -14.63
N ASN A 328 -9.03 13.59 -15.27
CA ASN A 328 -7.86 12.97 -15.86
C ASN A 328 -7.01 12.41 -14.73
N ILE A 329 -6.58 11.14 -14.82
CA ILE A 329 -5.96 10.55 -13.63
C ILE A 329 -4.67 11.20 -13.25
N TYR A 330 -3.94 11.74 -14.21
CA TYR A 330 -2.66 12.37 -13.87
C TYR A 330 -2.91 13.70 -13.15
N GLN A 331 -3.86 14.50 -13.66
CA GLN A 331 -4.30 15.69 -12.93
C GLN A 331 -4.80 15.32 -11.54
N LEU A 332 -5.57 14.23 -11.46
CA LEU A 332 -6.13 13.84 -10.18
C LEU A 332 -5.04 13.49 -9.18
N LYS A 333 -4.02 12.78 -9.65
CA LYS A 333 -2.92 12.42 -8.75
C LYS A 333 -2.21 13.67 -8.29
N VAL A 334 -2.05 14.66 -9.17
CA VAL A 334 -1.46 15.92 -8.77
C VAL A 334 -2.29 16.64 -7.72
N LEU A 335 -3.61 16.70 -7.92
CA LEU A 335 -4.48 17.28 -6.91
C LEU A 335 -4.33 16.59 -5.57
N ASP A 336 -4.31 15.27 -5.60
CA ASP A 336 -4.19 14.56 -4.35
CA ASP A 336 -4.13 14.44 -4.40
C ASP A 336 -2.84 14.79 -3.68
N CYS A 337 -1.75 14.80 -4.44
CA CYS A 337 -0.47 15.12 -3.83
C CYS A 337 -0.47 16.52 -3.27
N ALA A 338 -1.09 17.46 -3.98
CA ALA A 338 -1.13 18.82 -3.48
C ALA A 338 -1.96 18.91 -2.20
N MET A 339 -3.09 18.22 -2.17
CA MET A 339 -3.90 18.19 -0.96
C MET A 339 -3.09 17.66 0.22
N ASP A 340 -2.46 16.49 0.05
CA ASP A 340 -1.70 15.93 1.15
C ASP A 340 -0.54 16.83 1.54
N ALA A 341 0.12 17.47 0.55
CA ALA A 341 1.20 18.38 0.91
C ALA A 341 0.64 19.52 1.74
N CYS A 342 -0.50 20.08 1.32
CA CYS A 342 -1.11 21.16 2.08
C CYS A 342 -1.49 20.72 3.49
N ILE A 343 -2.06 19.53 3.65
CA ILE A 343 -2.41 19.08 4.99
C ILE A 343 -1.17 19.00 5.86
N ASN A 344 -0.13 18.35 5.36
CA ASN A 344 1.11 18.18 6.13
C ASN A 344 1.79 19.51 6.39
N LEU A 345 1.56 20.52 5.58
CA LEU A 345 2.13 21.84 5.76
C LEU A 345 1.23 22.80 6.51
N GLY A 346 0.02 22.38 6.88
CA GLY A 346 -0.89 23.24 7.60
C GLY A 346 -1.59 24.27 6.76
N LEU A 347 -1.61 24.12 5.43
CA LEU A 347 -2.30 25.06 4.55
C LEU A 347 -3.70 24.50 4.32
N LEU A 348 -4.57 24.69 5.31
CA LEU A 348 -5.78 23.89 5.36
C LEU A 348 -6.85 24.39 4.40
N GLU A 349 -6.88 25.70 4.10
CA GLU A 349 -7.82 26.19 3.12
C GLU A 349 -7.46 25.70 1.72
N GLU A 350 -6.18 25.79 1.37
CA GLU A 350 -5.75 25.30 0.07
C GLU A 350 -5.92 23.79 -0.04
N ALA A 351 -5.66 23.06 1.04
CA ALA A 351 -5.89 21.62 1.06
C ALA A 351 -7.32 21.31 0.76
N LEU A 352 -8.24 22.05 1.38
CA LEU A 352 -9.65 21.78 1.11
C LEU A 352 -10.01 22.05 -0.35
N PHE A 353 -9.47 23.11 -0.95
CA PHE A 353 -9.74 23.37 -2.36
C PHE A 353 -9.36 22.18 -3.23
N TYR A 354 -8.14 21.66 -3.05
CA TYR A 354 -7.71 20.53 -3.86
C TYR A 354 -8.51 19.30 -3.51
N GLY A 355 -8.71 19.06 -2.21
CA GLY A 355 -9.42 17.87 -1.82
C GLY A 355 -10.84 17.83 -2.33
N THR A 356 -11.52 18.98 -2.27
CA THR A 356 -12.90 19.02 -2.75
C THR A 356 -12.96 18.69 -4.22
N ARG A 357 -11.98 19.17 -4.99
CA ARG A 357 -11.96 18.89 -6.41
C ARG A 357 -11.81 17.41 -6.68
N THR A 358 -11.15 16.65 -5.78
CA THR A 358 -10.96 15.24 -6.03
C THR A 358 -12.22 14.42 -5.76
N MET A 359 -13.24 14.99 -5.11
CA MET A 359 -14.32 14.16 -4.59
C MET A 359 -15.10 13.47 -5.69
N GLU A 360 -15.50 14.20 -6.75
CA GLU A 360 -16.30 13.54 -7.78
C GLU A 360 -15.46 12.55 -8.56
N PRO A 361 -14.24 12.87 -9.01
CA PRO A 361 -13.41 11.84 -9.63
C PRO A 361 -13.23 10.62 -8.74
N TYR A 362 -13.05 10.82 -7.44
CA TYR A 362 -12.88 9.66 -6.56
C TYR A 362 -14.14 8.84 -6.51
N ARG A 363 -15.30 9.46 -6.52
CA ARG A 363 -16.54 8.70 -6.53
C ARG A 363 -16.58 7.79 -7.74
N ILE A 364 -16.11 8.28 -8.88
CA ILE A 364 -16.14 7.52 -10.12
C ILE A 364 -15.11 6.43 -10.13
N PHE A 365 -13.89 6.71 -9.68
CA PHE A 365 -12.81 5.76 -9.89
C PHE A 365 -12.63 4.79 -8.74
N PHE A 366 -13.33 4.98 -7.63
CA PHE A 366 -13.27 4.08 -6.48
C PHE A 366 -14.66 3.57 -6.19
N PRO A 367 -15.26 2.80 -7.10
CA PRO A 367 -16.65 2.40 -6.91
C PRO A 367 -16.81 1.50 -5.70
N GLY A 368 -18.02 1.46 -5.18
CA GLY A 368 -18.27 0.62 -4.01
C GLY A 368 -17.57 1.16 -2.78
N SER A 369 -16.89 0.29 -2.03
CA SER A 369 -16.19 0.68 -0.81
C SER A 369 -14.72 0.43 -0.98
N HIS A 370 -13.94 1.48 -1.09
CA HIS A 370 -12.51 1.38 -1.30
C HIS A 370 -11.85 2.22 -0.21
N PRO A 371 -10.86 1.69 0.50
CA PRO A 371 -10.27 2.46 1.59
C PRO A 371 -9.65 3.78 1.17
N VAL A 372 -9.10 3.88 -0.04
CA VAL A 372 -8.52 5.14 -0.44
C VAL A 372 -9.59 6.23 -0.54
N ARG A 373 -10.77 5.90 -1.08
CA ARG A 373 -11.83 6.89 -1.10
C ARG A 373 -12.33 7.20 0.31
N GLY A 374 -12.47 6.19 1.16
CA GLY A 374 -12.88 6.46 2.53
C GLY A 374 -11.96 7.45 3.22
N VAL A 375 -10.66 7.23 3.10
CA VAL A 375 -9.67 8.12 3.71
C VAL A 375 -9.74 9.52 3.11
N GLN A 376 -9.89 9.62 1.79
CA GLN A 376 -9.90 10.93 1.17
C GLN A 376 -11.13 11.71 1.61
N VAL A 377 -12.29 11.05 1.63
CA VAL A 377 -13.51 11.71 2.08
C VAL A 377 -13.38 12.15 3.53
N MET A 378 -12.78 11.31 4.37
CA MET A 378 -12.53 11.71 5.75
C MET A 378 -11.64 12.94 5.84
N LYS A 379 -10.56 12.98 5.07
CA LYS A 379 -9.69 14.14 5.07
C LYS A 379 -10.46 15.40 4.71
N VAL A 380 -11.29 15.32 3.67
CA VAL A 380 -12.09 16.47 3.26
C VAL A 380 -13.08 16.86 4.35
N GLY A 381 -13.78 15.90 4.93
CA GLY A 381 -14.69 16.22 6.01
C GLY A 381 -13.98 16.86 7.19
N LYS A 382 -12.80 16.36 7.56
CA LYS A 382 -12.04 16.93 8.65
C LYS A 382 -11.65 18.37 8.33
N LEU A 383 -11.23 18.64 7.09
CA LEU A 383 -10.91 20.00 6.73
C LEU A 383 -12.14 20.90 6.84
N GLN A 384 -13.28 20.41 6.35
CA GLN A 384 -14.52 21.21 6.43
C GLN A 384 -14.92 21.44 7.88
N LEU A 385 -14.79 20.41 8.72
CA LEU A 385 -15.12 20.57 10.14
C LEU A 385 -14.28 21.67 10.74
N HIS A 386 -12.99 21.70 10.46
CA HIS A 386 -12.19 22.70 11.13
C HIS A 386 -12.39 24.08 10.53
N GLN A 387 -12.97 24.18 9.34
CA GLN A 387 -13.37 25.46 8.80
C GLN A 387 -14.79 25.86 9.22
N GLY A 388 -15.43 25.08 10.07
CA GLY A 388 -16.74 25.44 10.58
C GLY A 388 -17.89 25.13 9.66
N MET A 389 -17.64 24.34 8.61
CA MET A 389 -18.67 24.02 7.63
C MET A 389 -19.41 22.77 8.09
N PHE A 390 -20.18 22.90 9.16
CA PHE A 390 -20.64 21.71 9.86
C PHE A 390 -21.54 20.81 9.05
N PRO A 391 -22.60 21.29 8.40
CA PRO A 391 -23.43 20.34 7.65
C PRO A 391 -22.67 19.66 6.54
N GLN A 392 -21.78 20.38 5.86
CA GLN A 392 -21.01 19.79 4.78
C GLN A 392 -20.01 18.78 5.33
N ALA A 393 -19.34 19.15 6.42
CA ALA A 393 -18.43 18.22 7.06
C ALA A 393 -19.17 16.98 7.49
N MET A 394 -20.35 17.12 8.06
CA MET A 394 -21.06 15.96 8.57
C MET A 394 -21.45 15.01 7.46
N LYS A 395 -21.89 15.54 6.32
CA LYS A 395 -22.22 14.67 5.20
C LYS A 395 -21.00 13.88 4.77
N ASN A 396 -19.85 14.53 4.65
CA ASN A 396 -18.65 13.82 4.23
C ASN A 396 -18.15 12.87 5.31
N LEU A 397 -18.17 13.28 6.57
CA LEU A 397 -17.72 12.35 7.60
C LEU A 397 -18.63 11.13 7.67
N ARG A 398 -19.93 11.30 7.47
CA ARG A 398 -20.84 10.15 7.45
C ARG A 398 -20.57 9.27 6.24
N LEU A 399 -20.28 9.87 5.10
CA LEU A 399 -19.94 9.10 3.92
C LEU A 399 -18.64 8.35 4.14
N ALA A 400 -17.64 9.03 4.72
CA ALA A 400 -16.39 8.35 5.05
C ALA A 400 -16.66 7.20 5.99
N PHE A 401 -17.55 7.38 6.95
CA PHE A 401 -17.84 6.30 7.87
C PHE A 401 -18.54 5.15 7.15
N ASP A 402 -19.45 5.45 6.23
CA ASP A 402 -20.12 4.39 5.50
C ASP A 402 -19.14 3.56 4.72
N ILE A 403 -18.14 4.19 4.13
CA ILE A 403 -17.11 3.47 3.41
C ILE A 403 -16.20 2.74 4.37
N MET A 404 -15.68 3.45 5.38
CA MET A 404 -14.65 2.94 6.25
C MET A 404 -15.15 1.91 7.24
N ARG A 405 -16.43 1.91 7.60
CA ARG A 405 -16.96 0.77 8.34
CA ARG A 405 -16.94 0.77 8.36
C ARG A 405 -16.76 -0.52 7.56
N VAL A 406 -16.82 -0.43 6.23
CA VAL A 406 -16.60 -1.60 5.39
C VAL A 406 -15.12 -1.87 5.19
N THR A 407 -14.35 -0.86 4.86
CA THR A 407 -12.97 -1.07 4.44
C THR A 407 -11.98 -1.15 5.58
N HIS A 408 -12.25 -0.47 6.68
CA HIS A 408 -11.35 -0.38 7.81
C HIS A 408 -11.89 -1.16 9.00
N GLY A 409 -13.12 -0.84 9.40
CA GLY A 409 -13.78 -1.55 10.48
C GLY A 409 -13.29 -1.15 11.85
N ARG A 410 -13.96 -1.72 12.86
CA ARG A 410 -13.69 -1.35 14.24
C ARG A 410 -12.27 -1.69 14.65
N GLU A 411 -11.64 -2.66 13.99
CA GLU A 411 -10.32 -3.10 14.36
C GLU A 411 -9.23 -2.13 13.92
N HIS A 412 -9.58 -1.13 13.11
CA HIS A 412 -8.59 -0.19 12.61
C HIS A 412 -8.72 1.11 13.38
N SER A 413 -7.61 1.59 13.95
CA SER A 413 -7.65 2.76 14.81
C SER A 413 -8.16 4.01 14.11
N LEU A 414 -8.04 4.12 12.79
CA LEU A 414 -8.51 5.32 12.11
C LEU A 414 -10.01 5.48 12.29
N ILE A 415 -10.77 4.39 12.41
CA ILE A 415 -12.21 4.46 12.59
C ILE A 415 -12.53 5.16 13.91
N GLU A 416 -11.71 4.97 14.91
CA GLU A 416 -11.93 5.65 16.19
C GLU A 416 -11.69 7.14 16.03
N ASP A 417 -10.68 7.53 15.24
CA ASP A 417 -10.48 8.95 14.99
C ASP A 417 -11.67 9.53 14.25
N LEU A 418 -12.21 8.80 13.29
CA LEU A 418 -13.37 9.27 12.53
C LEU A 418 -14.58 9.41 13.44
N ILE A 419 -14.79 8.47 14.34
CA ILE A 419 -15.92 8.57 15.26
C ILE A 419 -15.81 9.83 16.09
N LEU A 420 -14.58 10.18 16.49
CA LEU A 420 -14.40 11.41 17.24
C LEU A 420 -14.79 12.63 16.42
N LEU A 421 -14.38 12.69 15.16
CA LEU A 421 -14.77 13.78 14.29
C LEU A 421 -16.28 13.85 14.13
N LEU A 422 -16.95 12.71 13.96
CA LEU A 422 -18.40 12.71 13.82
C LEU A 422 -19.06 13.25 15.07
N GLU A 423 -18.56 12.86 16.24
CA GLU A 423 -19.15 13.33 17.48
C GLU A 423 -18.90 14.83 17.64
N GLU A 424 -17.71 15.30 17.29
CA GLU A 424 -17.43 16.73 17.36
C GLU A 424 -18.34 17.50 16.43
N CYS A 425 -18.45 17.04 15.19
CA CYS A 425 -19.27 17.73 14.21
C CYS A 425 -20.73 17.74 14.62
N ASP A 426 -21.23 16.60 15.12
CA ASP A 426 -22.62 16.51 15.54
C ASP A 426 -22.88 17.45 16.72
N ALA A 427 -21.94 17.52 17.67
CA ALA A 427 -22.08 18.46 18.79
C ALA A 427 -22.19 19.89 18.27
N ASN A 428 -21.43 20.24 17.24
CA ASN A 428 -21.51 21.58 16.69
C ASN A 428 -22.86 21.83 16.06
N ILE A 429 -23.36 20.86 15.31
CA ILE A 429 -24.65 21.03 14.66
C ILE A 429 -25.74 21.17 15.72
N ARG A 430 -25.65 20.40 16.79
CA ARG A 430 -26.68 20.47 17.83
C ARG A 430 -26.65 21.78 18.60
N ALA A 431 -25.50 22.46 18.66
CA ALA A 431 -25.38 23.77 19.30
C ALA A 431 -25.72 24.90 18.35
N SER A 432 -26.09 24.59 17.11
CA SER A 432 -26.32 25.66 16.14
C SER A 432 -27.76 26.09 16.01
#